data_7NIG
#
_entry.id   7NIG
#
_cell.length_a   82.089
_cell.length_b   111.584
_cell.length_c   62.692
_cell.angle_alpha   90.000
_cell.angle_beta   90.000
_cell.angle_gamma   90.000
#
_symmetry.space_group_name_H-M   'C 2 2 21'
#
loop_
_entity.id
_entity.type
_entity.pdbx_description
1 polymer '14-3-3 protein sigma'
2 polymer 'Peptidyl-prolyl cis-trans isomerase NIMA-interacting 1'
3 non-polymer 2-bromanyl-4-imidazol-1-yl-benzaldehyde
4 non-polymer 'CALCIUM ION'
5 non-polymer 'CHLORIDE ION'
6 water water
#
loop_
_entity_poly.entity_id
_entity_poly.type
_entity_poly.pdbx_seq_one_letter_code
_entity_poly.pdbx_strand_id
1 'polypeptide(L)'
;GAMGSMERASLIQKAKLAEQAERYEDMAAFMKGAVEKGEELS(CSO)EERNLLSVAYKNVVGGQRAAWRVLSSIEQKSNE
EGSEEKGPEVREYREKVETELQGVCDTVLGLLDSHLIKEAGDAESRVFYLKMKGDYYRYLAEVATGDDKKRIIDSARSAY
QEAMDISKKEMPPTNPIRLGLALNFSVFHYEIANSPEEAISLAKTTFDEAMADLHTLSEDSYKDSTLIMQLLRDNLTLWT
ADNAGEEGGEAPQEPQS
;
A
2 'polypeptide(L)' LVKHSQSRRPS(SEP)WRQEK P
#
# COMPACT_ATOMS: atom_id res chain seq x y z
N ALA A 2 16.43 3.31 17.14
CA ALA A 2 16.25 4.12 18.32
C ALA A 2 15.30 3.45 19.31
N MET A 3 14.66 2.35 18.88
CA MET A 3 13.69 1.67 19.72
C MET A 3 14.20 0.34 20.25
N GLY A 4 15.51 0.10 20.15
CA GLY A 4 16.08 -1.17 20.55
C GLY A 4 15.95 -1.47 22.03
N SER A 5 15.80 -0.45 22.87
CA SER A 5 15.72 -0.69 24.32
C SER A 5 14.29 -0.82 24.84
N MET A 6 13.28 -0.57 24.00
CA MET A 6 11.88 -0.78 24.40
C MET A 6 11.44 -2.22 24.19
N GLU A 7 10.64 -2.72 25.13
CA GLU A 7 10.00 -4.03 24.98
C GLU A 7 9.09 -4.06 23.76
N ARG A 8 9.05 -5.24 23.10
CA ARG A 8 8.16 -5.41 21.95
C ARG A 8 6.73 -5.04 22.29
N ALA A 9 6.20 -5.58 23.40
CA ALA A 9 4.80 -5.31 23.75
C ALA A 9 4.57 -3.83 24.04
N SER A 10 5.55 -3.15 24.63
CA SER A 10 5.42 -1.72 24.86
C SER A 10 5.39 -0.94 23.55
N LEU A 11 6.23 -1.33 22.58
CA LEU A 11 6.18 -0.70 21.26
C LEU A 11 4.81 -0.87 20.61
N ILE A 12 4.22 -2.07 20.76
CA ILE A 12 2.91 -2.29 20.16
C ILE A 12 1.85 -1.45 20.87
N GLN A 13 1.91 -1.42 22.20
CA GLN A 13 0.95 -0.63 22.97
C GLN A 13 1.07 0.85 22.62
N LYS A 14 2.31 1.36 22.48
CA LYS A 14 2.50 2.76 22.12
C LYS A 14 2.07 3.05 20.68
N ALA A 15 2.23 2.09 19.76
CA ALA A 15 1.74 2.29 18.41
C ALA A 15 0.23 2.51 18.41
N LYS A 16 -0.51 1.76 19.23
CA LYS A 16 -1.95 1.93 19.30
C LYS A 16 -2.30 3.28 19.94
N LEU A 17 -1.54 3.70 20.93
CA LEU A 17 -1.75 5.03 21.52
C LEU A 17 -1.48 6.12 20.49
N ALA A 18 -0.41 5.98 19.70
CA ALA A 18 -0.10 6.98 18.69
C ALA A 18 -1.19 7.05 17.62
N GLU A 19 -1.77 5.90 17.25
CA GLU A 19 -2.91 5.93 16.34
C GLU A 19 -4.07 6.74 16.92
N GLN A 20 -4.39 6.53 18.19
CA GLN A 20 -5.48 7.29 18.80
C GLN A 20 -5.16 8.78 18.84
N ALA A 21 -3.89 9.12 19.00
CA ALA A 21 -3.45 10.51 19.01
C ALA A 21 -3.23 11.08 17.62
N GLU A 22 -3.45 10.28 16.57
CA GLU A 22 -3.17 10.67 15.19
C GLU A 22 -1.73 11.15 15.03
N ARG A 23 -0.81 10.44 15.68
CA ARG A 23 0.62 10.70 15.62
C ARG A 23 1.25 9.59 14.79
N TYR A 24 1.10 9.70 13.47
CA TYR A 24 1.41 8.57 12.59
C TYR A 24 2.91 8.38 12.39
N GLU A 25 3.70 9.44 12.45
N GLU A 25 3.71 9.44 12.46
CA GLU A 25 5.15 9.28 12.41
CA GLU A 25 5.16 9.27 12.41
C GLU A 25 5.62 8.48 13.63
C GLU A 25 5.64 8.49 13.63
N ASP A 26 5.15 8.85 14.82
CA ASP A 26 5.44 8.05 16.02
C ASP A 26 4.99 6.60 15.84
N MET A 27 3.74 6.43 15.37
CA MET A 27 3.20 5.08 15.16
C MET A 27 4.14 4.26 14.29
N ALA A 28 4.61 4.84 13.18
CA ALA A 28 5.48 4.11 12.27
C ALA A 28 6.80 3.75 12.93
N ALA A 29 7.37 4.67 13.70
CA ALA A 29 8.64 4.41 14.37
C ALA A 29 8.49 3.30 15.41
N PHE A 30 7.37 3.30 16.14
CA PHE A 30 7.11 2.22 17.10
C PHE A 30 6.96 0.88 16.39
N MET A 31 6.22 0.86 15.28
CA MET A 31 6.01 -0.39 14.55
C MET A 31 7.30 -0.86 13.88
N LYS A 32 8.12 0.07 13.37
CA LYS A 32 9.43 -0.32 12.86
C LYS A 32 10.26 -0.98 13.96
N GLY A 33 10.25 -0.39 15.16
CA GLY A 33 10.97 -1.00 16.27
C GLY A 33 10.45 -2.38 16.59
N ALA A 34 9.13 -2.56 16.56
CA ALA A 34 8.55 -3.87 16.82
C ALA A 34 8.99 -4.90 15.78
N VAL A 35 8.97 -4.52 14.50
CA VAL A 35 9.43 -5.42 13.45
C VAL A 35 10.89 -5.81 13.70
N GLU A 36 11.73 -4.85 14.06
CA GLU A 36 13.16 -5.11 14.22
C GLU A 36 13.47 -6.00 15.42
N LYS A 37 12.47 -6.32 16.25
CA LYS A 37 12.66 -7.34 17.28
C LYS A 37 12.90 -8.71 16.67
N GLY A 38 12.50 -8.93 15.42
CA GLY A 38 12.80 -10.15 14.70
C GLY A 38 11.72 -11.21 14.76
N GLU A 39 10.69 -11.04 15.56
CA GLU A 39 9.59 -11.98 15.60
C GLU A 39 8.57 -11.66 14.51
N GLU A 40 7.86 -12.70 14.07
CA GLU A 40 6.81 -12.49 13.08
C GLU A 40 5.70 -11.61 13.67
N LEU A 41 4.91 -10.99 12.80
CA LEU A 41 3.85 -10.09 13.21
C LEU A 41 2.50 -10.80 13.15
N SER A 42 1.66 -10.57 14.14
CA SER A 42 0.29 -11.06 14.12
C SER A 42 -0.54 -10.29 13.10
N GLU A 44 -3.19 -8.42 13.63
CA GLU A 44 -3.44 -7.07 14.14
C GLU A 44 -2.18 -6.21 14.03
N GLU A 45 -1.02 -6.80 14.32
CA GLU A 45 0.24 -6.06 14.25
C GLU A 45 0.59 -5.69 12.81
N ARG A 46 0.31 -6.59 11.85
CA ARG A 46 0.51 -6.25 10.45
C ARG A 46 -0.35 -5.05 10.05
N ASN A 47 -1.61 -5.03 10.51
CA ASN A 47 -2.48 -3.90 10.21
C ASN A 47 -1.94 -2.61 10.82
N LEU A 48 -1.41 -2.67 12.03
CA LEU A 48 -0.83 -1.49 12.65
C LEU A 48 0.35 -0.96 11.84
N LEU A 49 1.23 -1.85 11.40
CA LEU A 49 2.36 -1.46 10.56
C LEU A 49 1.87 -0.75 9.29
N SER A 50 0.88 -1.35 8.63
CA SER A 50 0.37 -0.81 7.37
C SER A 50 -0.26 0.56 7.57
N VAL A 51 -1.14 0.69 8.56
CA VAL A 51 -1.82 1.96 8.84
C VAL A 51 -0.82 3.07 9.10
N ALA A 52 0.21 2.78 9.87
CA ALA A 52 1.18 3.81 10.23
C ALA A 52 1.87 4.36 9.00
N TYR A 53 2.49 3.48 8.21
CA TYR A 53 3.26 3.95 7.06
C TYR A 53 2.36 4.46 5.94
N LYS A 54 1.14 3.94 5.80
CA LYS A 54 0.25 4.47 4.77
C LYS A 54 -0.12 5.92 5.08
N ASN A 55 -0.30 6.23 6.36
CA ASN A 55 -0.62 7.60 6.74
C ASN A 55 0.56 8.52 6.56
N VAL A 56 1.77 8.07 6.94
CA VAL A 56 2.97 8.88 6.76
C VAL A 56 3.20 9.16 5.28
N VAL A 57 3.26 8.11 4.45
N VAL A 57 3.27 8.10 4.46
CA VAL A 57 3.54 8.30 3.05
CA VAL A 57 3.53 8.29 3.03
C VAL A 57 2.38 8.98 2.33
C VAL A 57 2.38 9.07 2.39
N GLY A 58 1.15 8.81 2.84
CA GLY A 58 0.01 9.48 2.24
C GLY A 58 0.10 10.99 2.34
N GLY A 59 0.53 11.49 3.51
CA GLY A 59 0.78 12.92 3.66
C GLY A 59 1.89 13.41 2.76
N GLN A 60 2.95 12.60 2.58
CA GLN A 60 4.04 13.00 1.70
C GLN A 60 3.58 13.02 0.24
N ARG A 61 2.78 12.02 -0.16
CA ARG A 61 2.29 11.98 -1.53
C ARG A 61 1.37 13.16 -1.82
N ALA A 62 0.51 13.51 -0.87
CA ALA A 62 -0.38 14.65 -1.05
C ALA A 62 0.40 15.94 -1.19
N ALA A 63 1.47 16.09 -0.40
CA ALA A 63 2.32 17.28 -0.52
C ALA A 63 3.06 17.30 -1.84
N TRP A 64 3.65 16.15 -2.22
CA TRP A 64 4.37 16.07 -3.49
C TRP A 64 3.47 16.44 -4.67
N ARG A 65 2.21 16.01 -4.64
N ARG A 65 2.22 16.00 -4.65
CA ARG A 65 1.30 16.31 -5.74
CA ARG A 65 1.30 16.31 -5.75
C ARG A 65 0.98 17.79 -5.80
C ARG A 65 1.00 17.81 -5.80
N VAL A 66 0.83 18.43 -4.64
CA VAL A 66 0.61 19.88 -4.61
C VAL A 66 1.80 20.61 -5.22
N LEU A 67 3.00 20.25 -4.78
CA LEU A 67 4.21 20.94 -5.24
C LEU A 67 4.51 20.64 -6.70
N SER A 68 4.28 19.39 -7.13
N SER A 68 4.28 19.39 -7.13
CA SER A 68 4.48 19.03 -8.53
CA SER A 68 4.50 19.04 -8.54
C SER A 68 3.58 19.84 -9.44
C SER A 68 3.58 19.84 -9.44
N SER A 69 2.32 20.04 -9.02
CA SER A 69 1.39 20.82 -9.82
C SER A 69 1.83 22.28 -9.91
N ILE A 70 2.25 22.86 -8.79
CA ILE A 70 2.81 24.21 -8.81
C ILE A 70 4.02 24.27 -9.74
N GLU A 71 4.89 23.26 -9.66
CA GLU A 71 6.10 23.26 -10.47
C GLU A 71 5.77 23.20 -11.95
N GLN A 72 4.79 22.38 -12.33
CA GLN A 72 4.46 22.26 -13.75
C GLN A 72 3.81 23.53 -14.28
N LYS A 73 2.98 24.18 -13.46
CA LYS A 73 2.42 25.47 -13.87
C LYS A 73 3.51 26.51 -14.06
N SER A 74 4.58 26.44 -13.27
CA SER A 74 5.70 27.38 -13.43
C SER A 74 6.49 27.14 -14.71
N ASN A 75 6.44 25.94 -15.28
CA ASN A 75 7.21 25.62 -16.48
C ASN A 75 6.35 25.67 -17.73
N GLY A 83 12.61 31.16 -10.10
CA GLY A 83 13.72 30.66 -9.31
C GLY A 83 13.66 29.18 -9.03
N PRO A 84 14.68 28.65 -8.35
CA PRO A 84 14.77 27.19 -8.14
C PRO A 84 13.95 26.68 -6.97
N GLU A 85 13.26 27.55 -6.22
CA GLU A 85 12.72 27.14 -4.93
C GLU A 85 11.64 26.07 -5.05
N VAL A 86 10.74 26.19 -6.02
CA VAL A 86 9.66 25.21 -6.14
C VAL A 86 10.23 23.83 -6.44
N ARG A 87 11.15 23.75 -7.41
CA ARG A 87 11.81 22.49 -7.71
C ARG A 87 12.57 21.97 -6.50
N GLU A 88 13.32 22.85 -5.83
CA GLU A 88 14.12 22.41 -4.68
C GLU A 88 13.24 21.80 -3.60
N TYR A 89 12.11 22.44 -3.31
CA TYR A 89 11.26 21.96 -2.21
C TYR A 89 10.50 20.71 -2.63
N ARG A 90 10.08 20.62 -3.90
CA ARG A 90 9.53 19.38 -4.40
C ARG A 90 10.54 18.24 -4.28
N GLU A 91 11.80 18.52 -4.61
CA GLU A 91 12.84 17.50 -4.50
C GLU A 91 13.06 17.09 -3.04
N LYS A 92 13.00 18.06 -2.12
CA LYS A 92 13.14 17.73 -0.70
C LYS A 92 12.03 16.77 -0.25
N VAL A 93 10.78 17.11 -0.55
CA VAL A 93 9.67 16.24 -0.18
C VAL A 93 9.81 14.90 -0.87
N GLU A 94 10.18 14.91 -2.15
CA GLU A 94 10.37 13.68 -2.92
C GLU A 94 11.41 12.77 -2.27
N THR A 95 12.54 13.34 -1.86
CA THR A 95 13.60 12.55 -1.23
C THR A 95 13.12 11.94 0.08
N GLU A 96 12.34 12.70 0.86
N GLU A 96 12.33 12.70 0.85
CA GLU A 96 11.84 12.17 2.12
CA GLU A 96 11.83 12.18 2.12
C GLU A 96 10.83 11.05 1.89
C GLU A 96 10.83 11.05 1.89
N LEU A 97 9.98 11.21 0.88
CA LEU A 97 9.05 10.14 0.54
C LEU A 97 9.79 8.88 0.10
N GLN A 98 10.82 9.04 -0.74
CA GLN A 98 11.61 7.89 -1.17
C GLN A 98 12.29 7.22 0.02
N GLY A 99 12.72 8.02 1.00
CA GLY A 99 13.34 7.44 2.18
C GLY A 99 12.38 6.58 2.96
N VAL A 100 11.13 7.03 3.10
CA VAL A 100 10.16 6.22 3.83
C VAL A 100 9.84 4.95 3.05
N CYS A 101 9.69 5.06 1.73
CA CYS A 101 9.44 3.86 0.92
C CYS A 101 10.59 2.86 1.07
N ASP A 102 11.84 3.36 1.03
CA ASP A 102 12.99 2.47 1.18
C ASP A 102 12.99 1.81 2.54
N THR A 103 12.58 2.55 3.58
CA THR A 103 12.53 1.98 4.92
C THR A 103 11.56 0.81 4.98
N VAL A 104 10.34 1.01 4.46
CA VAL A 104 9.33 -0.06 4.47
C VAL A 104 9.82 -1.25 3.66
N LEU A 105 10.29 -1.01 2.44
CA LEU A 105 10.79 -2.09 1.61
C LEU A 105 11.94 -2.84 2.29
N GLY A 106 12.74 -2.11 3.07
CA GLY A 106 13.82 -2.77 3.82
C GLY A 106 13.30 -3.66 4.92
N LEU A 107 12.22 -3.25 5.59
CA LEU A 107 11.62 -4.11 6.61
C LEU A 107 11.04 -5.36 5.97
N LEU A 108 10.41 -5.21 4.80
CA LEU A 108 9.85 -6.36 4.11
C LEU A 108 10.93 -7.33 3.66
N ASP A 109 12.05 -6.81 3.17
CA ASP A 109 13.14 -7.64 2.71
C ASP A 109 14.00 -8.19 3.84
N SER A 110 13.94 -7.58 5.03
CA SER A 110 14.79 -7.95 6.16
C SER A 110 13.98 -7.88 7.46
N HIS A 111 13.17 -8.91 7.74
CA HIS A 111 13.08 -10.16 6.98
C HIS A 111 11.63 -10.64 6.98
N LEU A 112 10.68 -9.70 6.90
CA LEU A 112 9.26 -10.04 7.04
C LEU A 112 8.81 -11.06 5.98
N ILE A 113 9.14 -10.80 4.70
CA ILE A 113 8.59 -11.65 3.65
C ILE A 113 9.18 -13.06 3.73
N LYS A 114 10.48 -13.18 3.95
CA LYS A 114 11.05 -14.53 3.91
C LYS A 114 10.56 -15.40 5.05
N GLU A 115 10.15 -14.80 6.17
CA GLU A 115 9.61 -15.59 7.27
C GLU A 115 8.09 -15.75 7.23
N ALA A 116 7.42 -15.18 6.25
CA ALA A 116 5.96 -15.26 6.16
C ALA A 116 5.60 -16.54 5.41
N GLY A 117 5.23 -17.57 6.16
CA GLY A 117 4.88 -18.85 5.56
C GLY A 117 3.42 -18.99 5.23
N ASP A 118 2.55 -18.42 6.06
CA ASP A 118 1.12 -18.49 5.81
C ASP A 118 0.74 -17.60 4.64
N ALA A 119 -0.31 -18.01 3.92
CA ALA A 119 -0.78 -17.24 2.77
C ALA A 119 -1.23 -15.84 3.19
N GLU A 120 -1.93 -15.73 4.31
CA GLU A 120 -2.44 -14.43 4.74
C GLU A 120 -1.28 -13.45 5.00
N SER A 121 -0.25 -13.91 5.72
CA SER A 121 0.87 -13.02 5.99
C SER A 121 1.67 -12.74 4.72
N ARG A 122 1.96 -13.77 3.91
CA ARG A 122 2.79 -13.55 2.74
C ARG A 122 2.12 -12.62 1.74
N VAL A 123 0.82 -12.79 1.51
CA VAL A 123 0.12 -11.92 0.57
C VAL A 123 0.07 -10.49 1.11
N PHE A 124 -0.18 -10.33 2.42
CA PHE A 124 -0.19 -9.00 3.03
C PHE A 124 1.12 -8.25 2.75
N TYR A 125 2.25 -8.94 2.95
CA TYR A 125 3.55 -8.28 2.79
C TYR A 125 3.87 -8.03 1.32
N LEU A 126 3.49 -8.96 0.43
CA LEU A 126 3.75 -8.73 -0.99
C LEU A 126 2.89 -7.60 -1.54
N LYS A 127 1.65 -7.49 -1.05
CA LYS A 127 0.84 -6.32 -1.37
C LYS A 127 1.54 -5.03 -0.92
N MET A 128 2.05 -5.00 0.32
CA MET A 128 2.79 -3.81 0.75
C MET A 128 3.98 -3.54 -0.16
N LYS A 129 4.71 -4.58 -0.54
CA LYS A 129 5.87 -4.38 -1.42
C LYS A 129 5.45 -3.76 -2.73
N GLY A 130 4.36 -4.27 -3.32
CA GLY A 130 3.82 -3.65 -4.53
C GLY A 130 3.44 -2.19 -4.32
N ASP A 131 2.75 -1.89 -3.20
CA ASP A 131 2.32 -0.53 -2.93
C ASP A 131 3.50 0.44 -2.83
N TYR A 132 4.55 0.05 -2.10
CA TYR A 132 5.61 1.03 -1.89
C TYR A 132 6.51 1.17 -3.12
N TYR A 133 6.64 0.12 -3.94
CA TYR A 133 7.24 0.33 -5.26
C TYR A 133 6.34 1.20 -6.14
N ARG A 134 5.01 1.06 -6.02
CA ARG A 134 4.11 1.96 -6.74
C ARG A 134 4.33 3.42 -6.35
N TYR A 135 4.49 3.69 -5.05
CA TYR A 135 4.71 5.07 -4.62
C TYR A 135 6.04 5.60 -5.12
N LEU A 136 7.09 4.77 -5.10
CA LEU A 136 8.34 5.14 -5.75
C LEU A 136 8.12 5.42 -7.25
N ALA A 137 7.27 4.63 -7.89
CA ALA A 137 7.05 4.82 -9.34
C ALA A 137 6.31 6.12 -9.63
N GLU A 138 5.47 6.58 -8.71
CA GLU A 138 4.72 7.81 -8.92
C GLU A 138 5.64 9.02 -9.10
N VAL A 139 6.83 8.99 -8.50
CA VAL A 139 7.76 10.10 -8.57
C VAL A 139 8.99 9.80 -9.42
N ALA A 140 9.10 8.59 -9.97
CA ALA A 140 10.31 8.18 -10.66
C ALA A 140 10.39 8.80 -12.05
N THR A 141 11.59 9.23 -12.44
CA THR A 141 11.82 9.83 -13.75
C THR A 141 13.15 9.44 -14.40
N GLY A 142 13.95 8.59 -13.78
CA GLY A 142 15.29 8.33 -14.27
C GLY A 142 15.52 6.97 -14.89
N ASP A 143 16.77 6.50 -14.83
CA ASP A 143 17.15 5.25 -15.49
C ASP A 143 16.40 4.06 -14.93
N ASP A 144 16.04 4.09 -13.65
CA ASP A 144 15.49 2.92 -12.97
C ASP A 144 13.96 2.90 -12.95
N LYS A 145 13.30 3.82 -13.66
CA LYS A 145 11.85 3.93 -13.54
C LYS A 145 11.15 2.67 -14.05
N LYS A 146 11.60 2.13 -15.18
CA LYS A 146 10.97 0.91 -15.69
C LYS A 146 11.21 -0.26 -14.75
N ARG A 147 12.39 -0.32 -14.13
CA ARG A 147 12.67 -1.39 -13.18
C ARG A 147 11.85 -1.21 -11.90
N ILE A 148 11.63 0.04 -11.49
CA ILE A 148 10.77 0.30 -10.34
C ILE A 148 9.35 -0.17 -10.62
N ILE A 149 8.84 0.17 -11.80
CA ILE A 149 7.49 -0.25 -12.19
C ILE A 149 7.41 -1.78 -12.24
N ASP A 150 8.45 -2.43 -12.77
CA ASP A 150 8.38 -3.88 -12.87
C ASP A 150 8.52 -4.54 -11.51
N SER A 151 9.22 -3.90 -10.56
CA SER A 151 9.28 -4.43 -9.21
C SER A 151 7.92 -4.37 -8.53
N ALA A 152 7.17 -3.29 -8.75
CA ALA A 152 5.80 -3.23 -8.27
C ALA A 152 4.95 -4.31 -8.91
N ARG A 153 5.04 -4.44 -10.24
N ARG A 153 5.02 -4.44 -10.24
CA ARG A 153 4.26 -5.45 -10.96
CA ARG A 153 4.25 -5.45 -10.95
C ARG A 153 4.56 -6.85 -10.45
C ARG A 153 4.55 -6.85 -10.42
N SER A 154 5.84 -7.17 -10.27
CA SER A 154 6.22 -8.52 -9.86
C SER A 154 5.71 -8.84 -8.47
N ALA A 155 5.77 -7.88 -7.54
CA ALA A 155 5.29 -8.14 -6.18
C ALA A 155 3.78 -8.34 -6.16
N TYR A 156 3.04 -7.46 -6.85
CA TYR A 156 1.59 -7.60 -6.94
C TYR A 156 1.22 -8.93 -7.56
N GLN A 157 1.96 -9.34 -8.60
CA GLN A 157 1.62 -10.55 -9.33
C GLN A 157 1.81 -11.80 -8.48
N GLU A 158 2.92 -11.88 -7.74
CA GLU A 158 3.11 -13.02 -6.83
C GLU A 158 2.03 -13.04 -5.76
N ALA A 159 1.66 -11.87 -5.24
CA ALA A 159 0.60 -11.84 -4.25
C ALA A 159 -0.72 -12.30 -4.85
N MET A 160 -1.01 -11.91 -6.10
CA MET A 160 -2.27 -12.35 -6.69
C MET A 160 -2.29 -13.84 -6.92
N ASP A 161 -1.16 -14.39 -7.39
CA ASP A 161 -1.11 -15.83 -7.62
C ASP A 161 -1.36 -16.60 -6.32
N ILE A 162 -0.69 -16.21 -5.23
CA ILE A 162 -0.92 -16.88 -3.95
C ILE A 162 -2.36 -16.70 -3.50
N SER A 163 -2.89 -15.46 -3.58
CA SER A 163 -4.21 -15.18 -3.04
C SER A 163 -5.29 -15.94 -3.81
N LYS A 164 -5.14 -16.06 -5.12
CA LYS A 164 -6.13 -16.79 -5.88
C LYS A 164 -6.09 -18.29 -5.58
N LYS A 165 -4.93 -18.85 -5.24
CA LYS A 165 -4.89 -20.26 -4.87
C LYS A 165 -5.33 -20.51 -3.43
N GLU A 166 -5.09 -19.57 -2.52
CA GLU A 166 -5.15 -19.87 -1.10
C GLU A 166 -6.24 -19.14 -0.33
N MET A 167 -6.93 -18.18 -0.94
CA MET A 167 -7.88 -17.35 -0.23
C MET A 167 -9.22 -17.32 -0.96
N PRO A 168 -10.31 -17.13 -0.22
CA PRO A 168 -11.61 -16.94 -0.87
C PRO A 168 -11.65 -15.61 -1.61
N PRO A 169 -12.51 -15.50 -2.63
CA PRO A 169 -12.58 -14.24 -3.40
C PRO A 169 -13.05 -13.04 -2.59
N THR A 170 -13.64 -13.24 -1.42
CA THR A 170 -14.11 -12.14 -0.56
C THR A 170 -13.11 -11.74 0.50
N ASN A 171 -11.98 -12.43 0.61
CA ASN A 171 -11.00 -12.11 1.64
C ASN A 171 -10.60 -10.64 1.53
N PRO A 172 -10.67 -9.87 2.62
CA PRO A 172 -10.39 -8.42 2.51
C PRO A 172 -9.00 -8.09 1.99
N ILE A 173 -7.99 -8.89 2.32
CA ILE A 173 -6.65 -8.62 1.81
C ILE A 173 -6.59 -8.95 0.32
N ARG A 174 -7.23 -10.04 -0.09
CA ARG A 174 -7.29 -10.35 -1.52
C ARG A 174 -8.00 -9.24 -2.29
N LEU A 175 -9.11 -8.73 -1.74
CA LEU A 175 -9.85 -7.64 -2.38
C LEU A 175 -9.02 -6.36 -2.47
N GLY A 176 -8.38 -5.99 -1.35
CA GLY A 176 -7.56 -4.79 -1.36
C GLY A 176 -6.37 -4.90 -2.29
N LEU A 177 -5.74 -6.07 -2.34
CA LEU A 177 -4.66 -6.31 -3.29
C LEU A 177 -5.12 -6.08 -4.71
N ALA A 178 -6.27 -6.67 -5.10
CA ALA A 178 -6.74 -6.53 -6.47
C ALA A 178 -7.11 -5.09 -6.78
N LEU A 179 -7.77 -4.42 -5.84
CA LEU A 179 -8.03 -2.98 -5.95
C LEU A 179 -6.74 -2.22 -6.28
N ASN A 180 -5.69 -2.42 -5.48
CA ASN A 180 -4.47 -1.64 -5.64
C ASN A 180 -3.71 -2.03 -6.92
N PHE A 181 -3.72 -3.32 -7.26
CA PHE A 181 -3.09 -3.74 -8.51
C PHE A 181 -3.83 -3.14 -9.70
N SER A 182 -5.16 -2.98 -9.58
N SER A 182 -5.16 -2.99 -9.58
CA SER A 182 -5.91 -2.34 -10.66
CA SER A 182 -5.93 -2.35 -10.64
C SER A 182 -5.57 -0.87 -10.78
C SER A 182 -5.56 -0.87 -10.77
N VAL A 183 -5.35 -0.19 -9.64
CA VAL A 183 -4.90 1.20 -9.68
C VAL A 183 -3.50 1.28 -10.29
N PHE A 184 -2.63 0.32 -9.95
CA PHE A 184 -1.32 0.24 -10.59
C PHE A 184 -1.46 0.18 -12.11
N HIS A 185 -2.31 -0.72 -12.60
CA HIS A 185 -2.49 -0.84 -14.05
C HIS A 185 -2.95 0.47 -14.66
N TYR A 186 -3.90 1.15 -14.00
CA TYR A 186 -4.48 2.35 -14.59
C TYR A 186 -3.51 3.52 -14.52
N GLU A 187 -2.91 3.75 -13.36
CA GLU A 187 -2.15 4.96 -13.07
C GLU A 187 -0.69 4.86 -13.45
N ILE A 188 -0.09 3.68 -13.33
CA ILE A 188 1.35 3.49 -13.44
C ILE A 188 1.71 2.81 -14.76
N ALA A 189 1.04 1.70 -15.08
CA ALA A 189 1.38 0.89 -16.24
C ALA A 189 0.70 1.37 -17.52
N ASN A 190 -0.14 2.40 -17.45
CA ASN A 190 -0.86 2.93 -18.61
C ASN A 190 -1.61 1.78 -19.32
N SER A 191 -2.29 0.97 -18.51
CA SER A 191 -3.05 -0.18 -18.99
C SER A 191 -4.47 -0.08 -18.45
N PRO A 192 -5.25 0.91 -18.91
CA PRO A 192 -6.58 1.09 -18.32
C PRO A 192 -7.53 -0.07 -18.58
N GLU A 193 -7.39 -0.76 -19.71
CA GLU A 193 -8.27 -1.90 -19.95
C GLU A 193 -7.96 -3.05 -18.99
N GLU A 194 -6.67 -3.30 -18.74
CA GLU A 194 -6.29 -4.27 -17.71
C GLU A 194 -6.85 -3.88 -16.35
N ALA A 195 -6.77 -2.59 -16.01
CA ALA A 195 -7.30 -2.10 -14.73
C ALA A 195 -8.79 -2.37 -14.61
N ILE A 196 -9.54 -2.06 -15.67
CA ILE A 196 -10.99 -2.24 -15.65
C ILE A 196 -11.36 -3.72 -15.59
N SER A 197 -10.69 -4.55 -16.39
N SER A 197 -10.67 -4.55 -16.38
CA SER A 197 -10.96 -5.98 -16.38
CA SER A 197 -10.97 -5.98 -16.39
C SER A 197 -10.70 -6.59 -15.01
C SER A 197 -10.68 -6.62 -15.04
N LEU A 198 -9.58 -6.23 -14.40
CA LEU A 198 -9.27 -6.77 -13.08
C LEU A 198 -10.31 -6.34 -12.05
N ALA A 199 -10.70 -5.07 -12.06
CA ALA A 199 -11.68 -4.58 -11.09
C ALA A 199 -13.03 -5.28 -11.26
N LYS A 200 -13.46 -5.50 -12.51
CA LYS A 200 -14.77 -6.11 -12.75
C LYS A 200 -14.78 -7.58 -12.33
N THR A 201 -13.77 -8.33 -12.77
N THR A 201 -13.77 -8.35 -12.75
CA THR A 201 -13.67 -9.75 -12.42
CA THR A 201 -13.76 -9.76 -12.40
C THR A 201 -13.57 -9.93 -10.91
C THR A 201 -13.53 -9.97 -10.90
N THR A 202 -12.80 -9.07 -10.24
CA THR A 202 -12.67 -9.15 -8.79
C THR A 202 -14.01 -8.89 -8.12
N PHE A 203 -14.70 -7.84 -8.55
CA PHE A 203 -16.00 -7.51 -7.98
C PHE A 203 -17.00 -8.65 -8.18
N ASP A 204 -17.08 -9.17 -9.41
CA ASP A 204 -18.06 -10.22 -9.72
C ASP A 204 -17.79 -11.49 -8.95
N GLU A 205 -16.51 -11.89 -8.84
CA GLU A 205 -16.19 -13.12 -8.11
C GLU A 205 -16.44 -12.97 -6.62
N ALA A 206 -16.26 -11.76 -6.07
CA ALA A 206 -16.59 -11.57 -4.66
C ALA A 206 -18.09 -11.55 -4.45
N MET A 207 -18.82 -10.87 -5.33
CA MET A 207 -20.29 -10.88 -5.25
C MET A 207 -20.83 -12.29 -5.12
N ALA A 208 -20.32 -13.22 -5.92
CA ALA A 208 -20.83 -14.58 -5.95
C ALA A 208 -20.44 -15.40 -4.73
N ASP A 209 -19.53 -14.89 -3.89
CA ASP A 209 -19.08 -15.58 -2.68
C ASP A 209 -19.64 -14.95 -1.42
N LEU A 210 -20.39 -13.85 -1.52
CA LEU A 210 -20.91 -13.19 -0.32
C LEU A 210 -21.83 -14.09 0.49
N HIS A 211 -22.52 -15.02 -0.18
CA HIS A 211 -23.52 -15.83 0.52
C HIS A 211 -22.91 -16.73 1.57
N THR A 212 -21.59 -16.94 1.53
CA THR A 212 -20.92 -17.81 2.49
C THR A 212 -20.54 -17.11 3.78
N LEU A 213 -20.70 -15.80 3.86
CA LEU A 213 -20.11 -14.99 4.90
C LEU A 213 -21.09 -14.72 6.04
N SER A 214 -20.52 -14.56 7.23
CA SER A 214 -21.22 -13.95 8.35
C SER A 214 -21.53 -12.50 8.05
N GLU A 215 -22.39 -11.91 8.88
CA GLU A 215 -22.77 -10.51 8.71
C GLU A 215 -21.55 -9.59 8.85
N ASP A 216 -20.64 -9.92 9.77
CA ASP A 216 -19.46 -9.06 9.96
C ASP A 216 -18.47 -9.20 8.80
N SER A 217 -18.23 -10.42 8.34
CA SER A 217 -17.36 -10.61 7.18
C SER A 217 -17.98 -9.98 5.93
N TYR A 218 -19.29 -10.09 5.80
CA TYR A 218 -20.01 -9.44 4.71
C TYR A 218 -19.76 -7.93 4.69
N LYS A 219 -19.80 -7.30 5.86
CA LYS A 219 -19.54 -5.86 5.94
C LYS A 219 -18.11 -5.53 5.49
N ASP A 220 -17.13 -6.31 5.96
CA ASP A 220 -15.74 -6.08 5.57
C ASP A 220 -15.57 -6.18 4.05
N SER A 221 -16.13 -7.22 3.44
CA SER A 221 -15.92 -7.45 2.02
C SER A 221 -16.62 -6.40 1.17
N THR A 222 -17.90 -6.12 1.45
CA THR A 222 -18.65 -5.17 0.63
C THR A 222 -18.06 -3.76 0.73
N LEU A 223 -17.38 -3.45 1.83
CA LEU A 223 -16.75 -2.14 1.96
C LEU A 223 -15.69 -1.93 0.88
N ILE A 224 -14.86 -2.94 0.65
CA ILE A 224 -13.82 -2.83 -0.36
C ILE A 224 -14.41 -3.02 -1.75
N MET A 225 -15.51 -3.76 -1.84
CA MET A 225 -16.18 -3.97 -3.11
C MET A 225 -16.70 -2.65 -3.64
N GLN A 226 -17.15 -1.76 -2.74
CA GLN A 226 -17.62 -0.44 -3.14
C GLN A 226 -16.49 0.41 -3.71
N LEU A 227 -15.27 0.27 -3.20
CA LEU A 227 -14.15 1.00 -3.78
C LEU A 227 -13.85 0.51 -5.19
N LEU A 228 -13.95 -0.79 -5.43
CA LEU A 228 -13.83 -1.30 -6.80
C LEU A 228 -14.90 -0.70 -7.69
N ARG A 229 -16.12 -0.61 -7.18
CA ARG A 229 -17.21 -0.05 -7.99
C ARG A 229 -16.99 1.44 -8.24
N ASP A 230 -16.51 2.17 -7.23
CA ASP A 230 -16.22 3.59 -7.41
C ASP A 230 -15.23 3.81 -8.55
N ASN A 231 -14.18 2.99 -8.61
CA ASN A 231 -13.19 3.16 -9.67
C ASN A 231 -13.79 2.81 -11.03
N LEU A 232 -14.54 1.71 -11.11
CA LEU A 232 -15.17 1.35 -12.37
C LEU A 232 -16.11 2.45 -12.86
N THR A 233 -16.79 3.11 -11.93
CA THR A 233 -17.67 4.22 -12.30
C THR A 233 -16.85 5.41 -12.80
N LEU A 234 -15.69 5.66 -12.19
CA LEU A 234 -14.82 6.73 -12.66
C LEU A 234 -14.16 6.38 -13.99
N TRP A 235 -13.89 5.11 -14.23
CA TRP A 235 -13.13 4.68 -15.40
C TRP A 235 -14.01 4.34 -16.60
N THR A 236 -15.30 4.12 -16.42
CA THR A 236 -16.16 3.75 -17.54
C THR A 236 -17.36 4.69 -17.66
N ARG B 9 -6.25 10.08 -9.12
CA ARG B 9 -7.60 10.26 -8.57
C ARG B 9 -8.50 9.02 -8.32
N PRO B 10 -8.11 7.80 -8.68
CA PRO B 10 -8.93 6.64 -8.29
C PRO B 10 -8.59 6.21 -6.86
N SER B 11 -9.45 5.36 -6.31
CA SER B 11 -9.33 4.93 -4.93
C SER B 11 -8.48 3.68 -4.81
N TRP B 13 -6.77 1.13 -1.68
CA TRP B 13 -7.37 0.74 -0.42
C TRP B 13 -7.14 1.78 0.67
N ARG B 14 -8.17 2.01 1.49
CA ARG B 14 -8.11 3.00 2.55
C ARG B 14 -9.05 2.60 3.68
N GLN B 15 -8.68 2.97 4.91
CA GLN B 15 -9.61 2.91 6.04
C GLN B 15 -10.51 4.13 6.05
#